data_8TTT
#
_entry.id   8TTT
#
_cell.length_a   37.567
_cell.length_b   74.371
_cell.length_c   105.229
_cell.angle_alpha   90.00
_cell.angle_beta   90.00
_cell.angle_gamma   90.00
#
_symmetry.space_group_name_H-M   'P 21 21 21'
#
loop_
_entity.id
_entity.type
_entity.pdbx_description
1 polymer 'Sorting nexin-27'
2 polymer 'Fam21A repeat 15 peptide'
3 non-polymer GLYCEROL
4 non-polymer DI(HYDROXYETHYL)ETHER
5 water water
#
loop_
_entity_poly.entity_id
_entity_poly.type
_entity_poly.pdbx_seq_one_letter_code
_entity_poly.pdbx_strand_id
1 'polypeptide(L)'
;SNAGVSDVELRVALPDGTTVTVRVKKNSTTDQVYQAIAAKVGMDSTTVNYFALFEVISHSFVRKLAPNEFPHKLYIQNYT
SAVPGTCLTIRKWLFTTEEEILLNDNDLAVTYFFHQAVDDVKKGYIKAEEKSYQLQKLYEQRKMVMYLNMLRTCEGYNEI
IFPHCACDSRRKGHVITAISITHFKLHACTEEGQLENQVIAFEWDEMQRWDTDEEGMAF(CAF)FEYARGEKKPRWVKIF
TPYFNYMHECFERVF(CAF)ELKWRKEEY
;
A
2 'polypeptide(L)' RGEADLFDSGDIFSTGT B
#
# COMPACT_ATOMS: atom_id res chain seq x y z
N SER A 6 -27.85 12.96 12.22
CA SER A 6 -26.74 13.57 12.96
C SER A 6 -25.49 13.64 12.06
N ASP A 7 -25.29 14.76 11.38
CA ASP A 7 -24.23 14.90 10.38
C ASP A 7 -22.99 15.56 10.95
N VAL A 8 -21.84 15.13 10.44
CA VAL A 8 -20.56 15.74 10.79
C VAL A 8 -19.74 15.95 9.53
N GLU A 9 -18.75 16.83 9.63
CA GLU A 9 -17.80 17.07 8.55
C GLU A 9 -16.52 16.27 8.78
N LEU A 10 -15.94 15.83 7.67
CA LEU A 10 -14.72 15.06 7.65
C LEU A 10 -13.76 15.72 6.68
N ARG A 11 -12.50 15.84 7.07
CA ARG A 11 -11.47 16.26 6.13
C ARG A 11 -10.68 15.05 5.70
N VAL A 12 -10.25 15.03 4.44
CA VAL A 12 -9.46 13.93 3.88
C VAL A 12 -8.46 14.50 2.89
N ALA A 13 -7.22 13.99 2.95
CA ALA A 13 -6.17 14.38 2.02
C ALA A 13 -6.27 13.61 0.71
N LEU A 14 -6.06 14.29 -0.40
CA LEU A 14 -6.07 13.65 -1.71
C LEU A 14 -4.67 13.65 -2.29
N PRO A 15 -4.38 12.76 -3.27
CA PRO A 15 -2.98 12.59 -3.72
C PRO A 15 -2.34 13.83 -4.32
N ASP A 16 -3.11 14.73 -4.91
CA ASP A 16 -2.54 15.95 -5.49
C ASP A 16 -2.19 17.02 -4.45
N GLY A 17 -2.22 16.72 -3.14
CA GLY A 17 -1.98 17.74 -2.13
C GLY A 17 -3.17 18.60 -1.71
N THR A 18 -4.27 18.60 -2.45
CA THR A 18 -5.43 19.29 -1.92
C THR A 18 -6.07 18.45 -0.80
N THR A 19 -6.98 19.06 -0.06
CA THR A 19 -7.91 18.31 0.80
C THR A 19 -9.33 18.51 0.32
N VAL A 20 -10.21 17.62 0.76
CA VAL A 20 -11.64 17.73 0.51
C VAL A 20 -12.35 17.52 1.84
N THR A 21 -13.53 18.12 1.98
CA THR A 21 -14.37 17.92 3.14
C THR A 21 -15.69 17.32 2.69
N VAL A 22 -16.22 16.38 3.48
CA VAL A 22 -17.52 15.81 3.19
C VAL A 22 -18.37 15.86 4.45
N ARG A 23 -19.69 15.91 4.27
CA ARG A 23 -20.65 15.80 5.36
C ARG A 23 -21.18 14.38 5.39
N VAL A 24 -20.85 13.63 6.43
CA VAL A 24 -21.24 12.24 6.51
C VAL A 24 -21.87 11.99 7.86
N LYS A 25 -22.62 10.90 7.93
CA LYS A 25 -23.26 10.47 9.16
C LYS A 25 -22.21 9.95 10.15
N LYS A 26 -22.27 10.49 11.36
CA LYS A 26 -21.36 10.17 12.47
C LYS A 26 -20.76 8.76 12.43
N ASN A 27 -21.60 7.73 12.31
CA ASN A 27 -21.17 6.35 12.46
C ASN A 27 -20.97 5.63 11.12
N SER A 28 -20.58 6.38 10.08
CA SER A 28 -20.35 5.81 8.77
C SER A 28 -19.13 4.89 8.77
N THR A 29 -19.21 3.82 8.01
CA THR A 29 -18.05 2.97 7.85
C THR A 29 -17.13 3.51 6.78
N THR A 30 -15.96 2.90 6.67
CA THR A 30 -14.93 3.46 5.79
C THR A 30 -15.35 3.46 4.34
N ASP A 31 -16.03 2.39 3.88
CA ASP A 31 -16.48 2.40 2.50
C ASP A 31 -17.57 3.42 2.25
N GLN A 32 -18.42 3.68 3.24
CA GLN A 32 -19.43 4.71 3.03
C GLN A 32 -18.81 6.09 2.92
N VAL A 33 -17.74 6.35 3.68
CA VAL A 33 -17.03 7.61 3.56
C VAL A 33 -16.26 7.66 2.25
N TYR A 34 -15.69 6.53 1.84
CA TYR A 34 -14.89 6.55 0.63
C TYR A 34 -15.77 6.89 -0.58
N GLN A 35 -16.95 6.27 -0.68
CA GLN A 35 -17.83 6.55 -1.81
C GLN A 35 -18.24 8.01 -1.83
N ALA A 36 -18.57 8.55 -0.67
CA ALA A 36 -18.96 9.95 -0.60
C ALA A 36 -17.83 10.85 -1.11
N ILE A 37 -16.59 10.57 -0.67
CA ILE A 37 -15.44 11.35 -1.14
C ILE A 37 -15.24 11.18 -2.63
N ALA A 38 -15.26 9.94 -3.12
CA ALA A 38 -15.05 9.70 -4.54
C ALA A 38 -16.12 10.37 -5.39
N ALA A 39 -17.33 10.47 -4.86
CA ALA A 39 -18.37 11.25 -5.55
C ALA A 39 -18.01 12.73 -5.59
N LYS A 40 -17.58 13.29 -4.44
CA LYS A 40 -17.28 14.72 -4.38
C LYS A 40 -16.06 15.13 -5.20
N VAL A 41 -15.24 14.20 -5.67
CA VAL A 41 -14.04 14.58 -6.41
C VAL A 41 -14.08 14.16 -7.87
N GLY A 42 -15.17 13.55 -8.32
CA GLY A 42 -15.30 13.27 -9.74
C GLY A 42 -14.84 11.91 -10.16
N MET A 43 -14.73 10.97 -9.23
CA MET A 43 -14.37 9.62 -9.61
C MET A 43 -15.57 8.98 -10.27
N ASP A 44 -15.34 8.36 -11.41
CA ASP A 44 -16.41 7.70 -12.13
C ASP A 44 -16.42 6.22 -11.75
N SER A 45 -17.24 5.44 -12.45
CA SER A 45 -17.46 4.04 -12.09
C SER A 45 -16.23 3.17 -12.35
N THR A 46 -15.32 3.56 -13.24
CA THR A 46 -14.09 2.78 -13.38
C THR A 46 -13.07 3.17 -12.31
N THR A 47 -12.85 4.47 -12.13
CA THR A 47 -11.72 4.96 -11.35
C THR A 47 -11.86 4.63 -9.86
N VAL A 48 -13.09 4.66 -9.33
CA VAL A 48 -13.37 4.51 -7.92
C VAL A 48 -12.85 3.19 -7.33
N ASN A 49 -12.59 2.18 -8.15
CA ASN A 49 -12.12 0.91 -7.60
C ASN A 49 -10.59 0.85 -7.49
N TYR A 50 -9.89 1.94 -7.78
CA TYR A 50 -8.44 1.93 -7.75
C TYR A 50 -7.88 2.75 -6.60
N PHE A 51 -8.73 3.23 -5.70
CA PHE A 51 -8.30 4.05 -4.59
C PHE A 51 -9.01 3.61 -3.32
N ALA A 52 -8.45 3.99 -2.17
CA ALA A 52 -9.10 3.65 -0.92
C ALA A 52 -8.66 4.61 0.17
N LEU A 53 -9.25 4.46 1.35
CA LEU A 53 -8.99 5.31 2.51
C LEU A 53 -7.84 4.76 3.32
N PHE A 54 -6.89 5.62 3.65
CA PHE A 54 -5.73 5.25 4.46
C PHE A 54 -5.61 6.20 5.64
N GLU A 55 -4.90 5.75 6.66
CA GLU A 55 -4.57 6.54 7.83
C GLU A 55 -3.05 6.78 7.86
N VAL A 56 -2.64 8.03 8.10
CA VAL A 56 -1.22 8.33 8.20
C VAL A 56 -0.69 7.86 9.55
N ILE A 57 0.32 7.01 9.53
CA ILE A 57 0.91 6.49 10.75
C ILE A 57 2.18 7.24 11.11
N SER A 58 2.97 7.50 10.10
CA SER A 58 4.27 8.12 10.19
C SER A 58 4.58 8.69 8.82
N HIS A 59 5.67 9.43 8.74
CA HIS A 59 6.03 10.06 7.47
C HIS A 59 6.34 9.03 6.39
N SER A 60 6.57 7.78 6.78
CA SER A 60 6.93 6.74 5.83
C SER A 60 5.98 5.55 5.81
N PHE A 61 4.80 5.67 6.41
CA PHE A 61 3.88 4.54 6.39
C PHE A 61 2.44 5.00 6.56
N VAL A 62 1.57 4.54 5.67
CA VAL A 62 0.14 4.73 5.84
C VAL A 62 -0.50 3.36 5.92
N ARG A 63 -1.59 3.25 6.66
CA ARG A 63 -2.27 1.97 6.76
C ARG A 63 -3.69 2.10 6.24
N LYS A 64 -4.11 1.09 5.48
CA LYS A 64 -5.45 1.02 4.94
C LYS A 64 -6.46 0.84 6.07
N LEU A 65 -7.56 1.59 5.99
CA LEU A 65 -8.65 1.42 6.95
C LEU A 65 -9.40 0.12 6.67
N ALA A 66 -9.53 -0.71 7.71
CA ALA A 66 -10.32 -1.92 7.62
C ALA A 66 -11.79 -1.57 7.34
N PRO A 67 -12.60 -2.51 6.86
CA PRO A 67 -13.98 -2.16 6.52
C PRO A 67 -14.86 -1.71 7.69
N ASN A 68 -14.65 -2.25 8.89
CA ASN A 68 -15.52 -1.88 9.99
C ASN A 68 -14.94 -0.75 10.86
N GLU A 69 -14.17 0.15 10.26
CA GLU A 69 -13.70 1.29 11.03
C GLU A 69 -14.60 2.51 10.77
N PHE A 70 -14.55 3.44 11.71
CA PHE A 70 -15.33 4.67 11.60
C PHE A 70 -14.37 5.80 11.30
N PRO A 71 -14.23 6.20 10.04
CA PRO A 71 -13.30 7.29 9.72
C PRO A 71 -13.46 8.52 10.60
N HIS A 72 -14.68 8.92 10.94
CA HIS A 72 -14.84 10.14 11.73
C HIS A 72 -14.15 10.00 13.07
N LYS A 73 -14.24 8.81 13.67
CA LYS A 73 -13.58 8.58 14.95
C LYS A 73 -12.07 8.72 14.81
N LEU A 74 -11.50 8.26 13.69
CA LEU A 74 -10.07 8.42 13.49
C LEU A 74 -9.71 9.90 13.29
N TYR A 75 -10.54 10.61 12.53
CA TYR A 75 -10.32 12.04 12.30
C TYR A 75 -10.29 12.82 13.62
N ILE A 76 -11.34 12.66 14.44
CA ILE A 76 -11.44 13.40 15.70
C ILE A 76 -10.30 13.03 16.64
N GLN A 77 -10.02 11.74 16.76
CA GLN A 77 -9.01 11.27 17.71
C GLN A 77 -7.65 11.91 17.45
N ASN A 78 -7.25 11.95 16.19
CA ASN A 78 -5.89 12.33 15.81
C ASN A 78 -5.80 13.77 15.33
N TYR A 79 -6.84 14.59 15.57
CA TYR A 79 -6.90 15.91 14.97
C TYR A 79 -5.92 16.89 15.62
N THR A 80 -5.20 17.64 14.78
CA THR A 80 -4.39 18.74 15.25
C THR A 80 -4.53 19.90 14.28
N SER A 81 -3.98 21.05 14.67
CA SER A 81 -3.98 22.21 13.79
C SER A 81 -3.05 22.03 12.60
N ALA A 82 -2.04 21.19 12.74
CA ALA A 82 -0.97 21.09 11.76
C ALA A 82 -1.48 20.65 10.39
N VAL A 83 -0.85 21.18 9.35
CA VAL A 83 -1.16 20.75 7.98
C VAL A 83 -0.82 19.27 7.84
N PRO A 84 -1.64 18.45 7.16
CA PRO A 84 -2.85 18.63 6.33
C PRO A 84 -4.18 18.87 7.06
N GLY A 85 -4.18 18.88 8.38
CA GLY A 85 -5.42 19.03 9.11
C GLY A 85 -6.22 17.77 9.26
N THR A 86 -5.66 16.61 8.90
CA THR A 86 -6.36 15.35 9.02
C THR A 86 -5.37 14.19 8.95
N CYS A 87 -5.72 13.07 9.60
CA CYS A 87 -4.92 11.86 9.48
C CYS A 87 -5.39 10.95 8.34
N LEU A 88 -6.45 11.32 7.63
CA LEU A 88 -7.01 10.48 6.58
C LEU A 88 -6.47 10.90 5.22
N THR A 89 -6.27 9.91 4.34
CA THR A 89 -5.77 10.22 3.01
C THR A 89 -6.27 9.18 2.00
N ILE A 90 -6.49 9.65 0.78
CA ILE A 90 -6.91 8.82 -0.35
C ILE A 90 -5.66 8.42 -1.13
N ARG A 91 -5.41 7.14 -1.26
CA ARG A 91 -4.24 6.67 -1.99
C ARG A 91 -4.63 5.56 -2.92
N LYS A 92 -3.75 5.27 -3.86
CA LYS A 92 -4.00 4.23 -4.85
C LYS A 92 -4.06 2.87 -4.16
N TRP A 93 -4.91 1.98 -4.69
CA TRP A 93 -5.07 0.62 -4.14
C TRP A 93 -5.13 -0.36 -5.33
N LEU A 94 -3.97 -0.93 -5.67
CA LEU A 94 -3.81 -1.67 -6.91
C LEU A 94 -2.40 -2.25 -7.01
N PHE A 95 -2.27 -3.54 -7.28
CA PHE A 95 -0.94 -4.12 -7.43
C PHE A 95 -0.58 -4.38 -8.89
N THR A 96 -1.56 -4.54 -9.77
CA THR A 96 -1.30 -4.88 -11.15
C THR A 96 -1.11 -3.59 -11.94
N THR A 97 0.15 -3.26 -12.23
CA THR A 97 0.44 -2.01 -12.91
C THR A 97 -0.15 -1.94 -14.34
N GLU A 98 -0.57 -3.06 -14.92
CA GLU A 98 -1.12 -2.98 -16.28
C GLU A 98 -2.51 -2.34 -16.27
N GLU A 99 -3.33 -2.63 -15.24
CA GLU A 99 -4.60 -1.94 -15.09
C GLU A 99 -4.41 -0.42 -15.05
N GLU A 100 -3.26 0.05 -14.59
CA GLU A 100 -2.98 1.49 -14.55
C GLU A 100 -2.90 2.07 -15.94
N ILE A 101 -2.13 1.41 -16.82
CA ILE A 101 -1.96 1.84 -18.21
C ILE A 101 -3.32 2.13 -18.83
N LEU A 102 -4.27 1.21 -18.66
CA LEU A 102 -5.60 1.34 -19.28
C LEU A 102 -6.27 2.64 -18.90
N LEU A 103 -5.82 3.29 -17.82
CA LEU A 103 -6.41 4.54 -17.39
C LEU A 103 -5.62 5.75 -17.89
N ASN A 104 -4.77 5.56 -18.90
CA ASN A 104 -3.89 6.65 -19.30
C ASN A 104 -4.62 7.80 -19.97
N ASP A 105 -5.90 7.61 -20.32
CA ASP A 105 -6.77 8.63 -20.87
C ASP A 105 -7.69 9.29 -19.85
N ASN A 106 -7.65 8.86 -18.59
CA ASN A 106 -8.53 9.43 -17.57
C ASN A 106 -7.81 10.53 -16.82
N ASP A 107 -8.21 11.78 -17.07
CA ASP A 107 -7.51 12.93 -16.50
C ASP A 107 -7.45 12.82 -14.98
N LEU A 108 -8.55 12.41 -14.33
CA LEU A 108 -8.53 12.29 -12.88
C LEU A 108 -7.51 11.24 -12.44
N ALA A 109 -7.60 10.05 -13.01
CA ALA A 109 -6.74 8.95 -12.57
C ALA A 109 -5.28 9.29 -12.80
N VAL A 110 -4.96 9.75 -14.02
CA VAL A 110 -3.58 10.09 -14.37
C VAL A 110 -3.00 11.08 -13.36
N THR A 111 -3.76 12.13 -13.06
CA THR A 111 -3.29 13.17 -12.14
C THR A 111 -3.00 12.62 -10.76
N TYR A 112 -3.90 11.81 -10.22
CA TYR A 112 -3.67 11.21 -8.91
C TYR A 112 -2.49 10.24 -8.94
N PHE A 113 -2.37 9.45 -10.01
CA PHE A 113 -1.26 8.50 -10.10
C PHE A 113 0.08 9.25 -10.15
N PHE A 114 0.14 10.28 -10.98
CA PHE A 114 1.34 11.10 -11.12
C PHE A 114 1.78 11.68 -9.77
N HIS A 115 0.89 12.41 -9.09
CA HIS A 115 1.30 13.15 -7.90
C HIS A 115 1.69 12.21 -6.78
N GLN A 116 1.00 11.08 -6.63
CA GLN A 116 1.43 10.13 -5.62
C GLN A 116 2.75 9.46 -6.01
N ALA A 117 2.89 9.09 -7.29
CA ALA A 117 4.15 8.50 -7.72
C ALA A 117 5.31 9.45 -7.46
N VAL A 118 5.09 10.75 -7.70
CA VAL A 118 6.11 11.74 -7.42
C VAL A 118 6.47 11.73 -5.94
N ASP A 119 5.45 11.62 -5.08
CA ASP A 119 5.73 11.60 -3.65
C ASP A 119 6.42 10.31 -3.26
N ASP A 120 6.00 9.18 -3.84
CA ASP A 120 6.66 7.93 -3.52
C ASP A 120 8.13 7.92 -3.99
N VAL A 121 8.45 8.64 -5.07
CA VAL A 121 9.86 8.71 -5.47
C VAL A 121 10.67 9.47 -4.42
N LYS A 122 10.15 10.62 -3.97
CA LYS A 122 10.79 11.41 -2.93
C LYS A 122 11.01 10.60 -1.66
N LYS A 123 10.09 9.70 -1.34
CA LYS A 123 10.19 8.96 -0.09
C LYS A 123 11.04 7.70 -0.21
N GLY A 124 11.49 7.36 -1.42
CA GLY A 124 12.36 6.21 -1.60
C GLY A 124 11.67 4.90 -1.86
N TYR A 125 10.34 4.89 -1.96
CA TYR A 125 9.63 3.64 -2.28
C TYR A 125 9.96 3.16 -3.68
N ILE A 126 9.99 4.08 -4.64
CA ILE A 126 10.31 3.76 -6.03
C ILE A 126 11.77 4.11 -6.25
N LYS A 127 12.50 3.20 -6.87
CA LYS A 127 13.95 3.35 -7.08
C LYS A 127 14.16 3.65 -8.56
N ALA A 128 14.15 4.95 -8.90
CA ALA A 128 14.42 5.38 -10.26
C ALA A 128 15.91 5.43 -10.54
N GLU A 129 16.65 6.09 -9.64
CA GLU A 129 18.10 6.21 -9.61
C GLU A 129 18.69 6.23 -11.00
N GLU A 130 18.71 5.06 -11.64
CA GLU A 130 19.33 4.93 -12.96
C GLU A 130 18.82 5.95 -13.97
N LYS A 131 17.49 6.09 -14.09
CA LYS A 131 16.92 7.04 -15.04
C LYS A 131 16.31 8.27 -14.32
N SER A 132 16.89 8.62 -13.17
CA SER A 132 16.46 9.79 -12.41
C SER A 132 16.38 11.04 -13.30
N TYR A 133 17.43 11.30 -14.07
CA TYR A 133 17.52 12.51 -14.88
C TYR A 133 16.47 12.53 -15.99
N GLN A 134 16.27 11.42 -16.69
CA GLN A 134 15.24 11.37 -17.71
C GLN A 134 13.86 11.65 -17.12
N LEU A 135 13.59 11.08 -15.94
CA LEU A 135 12.31 11.28 -15.28
C LEU A 135 12.11 12.71 -14.85
N GLN A 136 13.21 13.36 -14.44
CA GLN A 136 13.15 14.75 -14.01
C GLN A 136 12.77 15.67 -15.16
N LYS A 137 13.31 15.44 -16.36
CA LYS A 137 12.90 16.26 -17.50
C LYS A 137 11.42 16.06 -17.82
N LEU A 138 10.94 14.81 -17.82
CA LEU A 138 9.52 14.60 -18.05
C LEU A 138 8.69 15.25 -16.94
N TYR A 139 9.22 15.25 -15.73
CA TYR A 139 8.50 15.91 -14.64
C TYR A 139 8.43 17.42 -14.87
N GLU A 140 9.52 18.02 -15.36
CA GLU A 140 9.55 19.46 -15.52
C GLU A 140 8.67 19.91 -16.67
N GLN A 141 8.63 19.14 -17.76
CA GLN A 141 7.72 19.44 -18.87
C GLN A 141 6.27 19.04 -18.56
N ARG A 142 6.02 18.41 -17.42
CA ARG A 142 4.68 18.01 -16.96
C ARG A 142 4.02 17.04 -17.92
N LYS A 143 4.78 16.05 -18.40
CA LYS A 143 4.24 15.00 -19.26
C LYS A 143 3.95 13.80 -18.39
N MET A 144 2.79 13.84 -17.73
CA MET A 144 2.48 12.91 -16.65
C MET A 144 2.45 11.47 -17.13
N VAL A 145 1.73 11.21 -18.21
CA VAL A 145 1.61 9.86 -18.74
C VAL A 145 2.99 9.29 -19.09
N MET A 146 3.82 10.08 -19.79
CA MET A 146 5.16 9.61 -20.12
C MET A 146 5.98 9.35 -18.85
N TYR A 147 5.89 10.26 -17.88
CA TYR A 147 6.55 10.06 -16.59
C TYR A 147 6.13 8.75 -15.97
N LEU A 148 4.81 8.49 -15.92
CA LEU A 148 4.32 7.26 -15.29
C LEU A 148 4.75 6.04 -16.06
N ASN A 149 4.62 6.09 -17.39
CA ASN A 149 4.95 4.92 -18.20
C ASN A 149 6.40 4.48 -17.99
N MET A 150 7.31 5.45 -17.78
CA MET A 150 8.69 5.10 -17.49
C MET A 150 8.88 4.65 -16.04
N LEU A 151 8.32 5.39 -15.08
CA LEU A 151 8.46 5.01 -13.67
C LEU A 151 7.84 3.66 -13.37
N ARG A 152 6.82 3.29 -14.14
CA ARG A 152 6.18 1.99 -13.96
C ARG A 152 7.15 0.83 -14.18
N THR A 153 8.30 1.04 -14.85
CA THR A 153 9.32 0.00 -15.05
C THR A 153 10.37 -0.04 -13.94
N CYS A 154 10.39 0.93 -13.04
CA CYS A 154 11.38 1.02 -11.97
C CYS A 154 11.07 0.07 -10.81
N GLU A 155 12.12 -0.33 -10.09
CA GLU A 155 11.94 -1.23 -8.97
C GLU A 155 11.19 -0.52 -7.86
N GLY A 156 10.16 -1.18 -7.33
CA GLY A 156 9.42 -0.66 -6.22
C GLY A 156 8.06 -0.11 -6.56
N TYR A 157 7.69 -0.07 -7.83
CA TYR A 157 6.39 0.47 -8.20
C TYR A 157 5.28 -0.52 -7.83
N ASN A 158 4.22 0.02 -7.20
CA ASN A 158 3.09 -0.76 -6.70
C ASN A 158 3.58 -1.84 -5.74
N GLU A 159 4.56 -1.52 -4.91
CA GLU A 159 4.97 -2.36 -3.79
C GLU A 159 4.52 -1.69 -2.50
N ILE A 160 4.04 -2.48 -1.54
CA ILE A 160 3.66 -1.99 -0.21
C ILE A 160 4.72 -2.42 0.79
N ILE A 161 5.40 -1.46 1.40
CA ILE A 161 6.45 -1.73 2.38
C ILE A 161 5.87 -1.50 3.77
N PHE A 162 6.08 -2.47 4.71
CA PHE A 162 5.63 -2.33 6.09
C PHE A 162 6.80 -1.96 7.00
N PRO A 163 6.51 -1.39 8.16
CA PRO A 163 7.58 -1.12 9.12
C PRO A 163 8.15 -2.41 9.66
N HIS A 164 9.46 -2.38 9.95
CA HIS A 164 10.12 -3.55 10.48
C HIS A 164 9.47 -4.01 11.78
N CYS A 165 9.57 -5.31 12.04
CA CYS A 165 8.95 -5.92 13.20
C CYS A 165 9.57 -7.30 13.35
N ALA A 166 9.25 -7.95 14.46
CA ALA A 166 9.82 -9.25 14.78
C ALA A 166 9.14 -10.37 13.98
N CYS A 167 9.75 -11.55 14.04
CA CYS A 167 9.29 -12.70 13.29
C CYS A 167 9.70 -13.96 14.04
N ASP A 168 8.76 -14.91 14.16
CA ASP A 168 9.04 -16.11 14.95
C ASP A 168 9.98 -17.07 14.25
N SER A 169 10.39 -16.77 13.01
CA SER A 169 11.25 -17.64 12.24
C SER A 169 12.57 -16.97 11.93
N ARG A 170 12.98 -16.02 12.75
CA ARG A 170 14.35 -15.50 12.78
C ARG A 170 14.83 -15.61 14.20
N ARG A 171 16.05 -16.14 14.39
CA ARG A 171 16.62 -16.20 15.74
C ARG A 171 16.79 -14.79 16.32
N LYS A 172 17.45 -13.91 15.58
CA LYS A 172 17.64 -12.54 16.01
C LYS A 172 17.25 -11.57 14.91
N GLY A 173 16.84 -10.38 15.30
CA GLY A 173 16.59 -9.33 14.33
C GLY A 173 15.16 -9.34 13.88
N HIS A 174 14.91 -8.58 12.81
CA HIS A 174 13.55 -8.26 12.36
C HIS A 174 13.43 -8.48 10.86
N VAL A 175 12.24 -8.21 10.33
CA VAL A 175 11.97 -8.29 8.92
C VAL A 175 11.23 -7.05 8.47
N ILE A 176 11.51 -6.61 7.26
CA ILE A 176 10.73 -5.60 6.56
C ILE A 176 9.95 -6.31 5.46
N THR A 177 8.62 -6.31 5.57
CA THR A 177 7.75 -7.00 4.62
C THR A 177 7.48 -6.13 3.40
N ALA A 178 7.63 -6.69 2.20
CA ALA A 178 7.41 -5.97 0.95
C ALA A 178 6.46 -6.77 0.05
N ILE A 179 5.33 -6.19 -0.30
CA ILE A 179 4.25 -6.91 -0.97
C ILE A 179 4.06 -6.34 -2.38
N SER A 180 4.00 -7.21 -3.38
CA SER A 180 3.75 -6.82 -4.75
C SER A 180 3.04 -7.96 -5.47
N ILE A 181 2.54 -7.66 -6.68
CA ILE A 181 1.88 -8.66 -7.50
C ILE A 181 2.83 -9.78 -7.85
N THR A 182 4.13 -9.51 -7.81
CA THR A 182 5.13 -10.46 -8.28
C THR A 182 5.52 -11.47 -7.21
N HIS A 183 5.83 -11.04 -5.99
CA HIS A 183 6.00 -11.99 -4.89
CA HIS A 183 5.99 -11.99 -4.90
C HIS A 183 5.76 -11.29 -3.56
N PHE A 184 6.02 -12.04 -2.49
CA PHE A 184 5.93 -11.61 -1.10
C PHE A 184 7.35 -11.68 -0.55
N LYS A 185 7.89 -10.55 -0.15
CA LYS A 185 9.32 -10.45 0.15
C LYS A 185 9.52 -10.05 1.59
N LEU A 186 10.41 -10.75 2.27
CA LEU A 186 10.88 -10.41 3.61
C LEU A 186 12.33 -9.98 3.50
N HIS A 187 12.64 -8.77 3.93
CA HIS A 187 14.02 -8.27 3.97
C HIS A 187 14.52 -8.37 5.40
N ALA A 188 15.74 -8.88 5.57
CA ALA A 188 16.32 -9.02 6.90
C ALA A 188 16.88 -7.67 7.36
N CYS A 189 16.54 -7.30 8.60
CA CYS A 189 17.09 -6.08 9.17
C CYS A 189 17.33 -6.26 10.67
N THR A 190 18.05 -5.31 11.26
CA THR A 190 18.35 -5.38 12.69
C THR A 190 17.09 -5.12 13.49
N GLU A 191 17.19 -5.30 14.81
CA GLU A 191 16.07 -4.92 15.67
C GLU A 191 15.86 -3.41 15.70
N GLU A 192 16.80 -2.65 15.13
CA GLU A 192 16.70 -1.21 14.97
C GLU A 192 16.17 -0.80 13.60
N GLY A 193 16.20 -1.69 12.61
CA GLY A 193 15.65 -1.42 11.31
C GLY A 193 16.66 -1.18 10.22
N GLN A 194 17.94 -1.40 10.48
CA GLN A 194 18.96 -1.18 9.47
C GLN A 194 19.04 -2.40 8.55
N LEU A 195 18.95 -2.16 7.24
CA LEU A 195 18.85 -3.25 6.27
C LEU A 195 20.13 -4.07 6.25
N GLU A 196 20.01 -5.37 6.52
CA GLU A 196 21.18 -6.21 6.46
C GLU A 196 21.52 -6.50 5.01
N ASN A 197 21.47 -7.75 4.59
CA ASN A 197 21.70 -7.98 3.17
C ASN A 197 21.00 -9.21 2.64
N GLN A 198 20.03 -9.75 3.36
CA GLN A 198 19.33 -10.94 2.94
C GLN A 198 17.89 -10.57 2.62
N VAL A 199 17.36 -11.13 1.55
CA VAL A 199 15.95 -11.06 1.21
C VAL A 199 15.48 -12.47 0.83
N ILE A 200 14.28 -12.86 1.25
CA ILE A 200 13.64 -14.06 0.71
C ILE A 200 12.45 -13.61 -0.12
N ALA A 201 12.28 -14.23 -1.28
CA ALA A 201 11.10 -14.06 -2.11
C ALA A 201 10.25 -15.32 -2.02
N PHE A 202 8.96 -15.15 -1.72
CA PHE A 202 7.96 -16.22 -1.75
C PHE A 202 7.06 -15.95 -2.93
N GLU A 203 6.90 -16.91 -3.81
CA GLU A 203 5.90 -16.77 -4.87
C GLU A 203 4.50 -16.98 -4.28
N TRP A 204 3.53 -16.27 -4.85
CA TRP A 204 2.15 -16.43 -4.37
C TRP A 204 1.63 -17.85 -4.53
N ASP A 205 2.15 -18.62 -5.49
CA ASP A 205 1.67 -20.00 -5.67
C ASP A 205 2.09 -20.91 -4.53
N GLU A 206 3.12 -20.55 -3.78
CA GLU A 206 3.56 -21.32 -2.63
C GLU A 206 2.77 -21.02 -1.36
N MET A 207 1.91 -19.98 -1.35
CA MET A 207 1.08 -19.63 -0.20
C MET A 207 -0.08 -20.61 -0.08
N GLN A 208 -0.07 -21.40 0.98
CA GLN A 208 -1.12 -22.38 1.19
C GLN A 208 -2.32 -21.79 1.91
N ARG A 209 -2.10 -21.17 3.07
CA ARG A 209 -3.13 -20.46 3.80
C ARG A 209 -2.52 -19.23 4.46
N TRP A 210 -3.39 -18.37 4.96
CA TRP A 210 -2.96 -17.19 5.69
C TRP A 210 -4.05 -16.83 6.69
N ASP A 211 -3.68 -16.04 7.69
CA ASP A 211 -4.58 -15.74 8.80
C ASP A 211 -3.99 -14.64 9.66
N THR A 212 -4.79 -14.12 10.56
CA THR A 212 -4.32 -13.23 11.61
C THR A 212 -4.39 -13.92 12.96
N ASP A 213 -3.67 -13.33 13.92
CA ASP A 213 -3.69 -13.72 15.33
C ASP A 213 -3.97 -12.45 16.11
N GLU A 214 -5.26 -12.14 16.34
CA GLU A 214 -5.59 -10.91 17.07
C GLU A 214 -4.86 -10.86 18.41
N GLU A 215 -4.82 -11.99 19.12
CA GLU A 215 -4.34 -11.97 20.50
C GLU A 215 -2.83 -11.80 20.54
N GLY A 216 -2.13 -12.41 19.59
CA GLY A 216 -0.70 -12.31 19.47
C GLY A 216 -0.20 -11.19 18.58
N MET A 217 -1.09 -10.31 18.09
CA MET A 217 -0.74 -9.22 17.17
C MET A 217 0.20 -9.72 16.05
N ALA A 218 -0.28 -10.70 15.28
CA ALA A 218 0.56 -11.32 14.27
C ALA A 218 -0.23 -11.61 13.01
N PHE A 219 0.45 -11.42 11.88
CA PHE A 219 -0.04 -11.96 10.62
C PHE A 219 0.64 -13.31 10.45
N PHE A 221 1.29 -16.77 7.78
CA PHE A 221 1.14 -17.44 6.49
C PHE A 221 1.84 -18.81 6.51
N GLU A 222 1.27 -19.73 5.74
CA GLU A 222 1.76 -21.10 5.63
C GLU A 222 2.18 -21.31 4.18
N TYR A 223 3.43 -21.71 3.96
CA TYR A 223 3.95 -21.89 2.62
C TYR A 223 4.45 -23.31 2.44
N ALA A 224 4.49 -23.74 1.18
CA ALA A 224 5.08 -25.03 0.82
C ALA A 224 6.08 -24.79 -0.31
N ARG A 225 7.38 -24.81 0.03
CA ARG A 225 8.46 -24.46 -0.89
C ARG A 225 9.28 -25.69 -1.25
N GLY A 226 9.71 -25.75 -2.52
CA GLY A 226 10.61 -26.78 -2.99
C GLY A 226 10.00 -28.16 -2.96
N GLU A 227 10.24 -28.89 -1.88
CA GLU A 227 9.63 -30.20 -1.71
C GLU A 227 9.28 -30.50 -0.27
N LYS A 228 9.49 -29.56 0.66
CA LYS A 228 9.31 -29.80 2.08
C LYS A 228 7.83 -29.70 2.44
N LYS A 229 7.53 -29.79 3.75
CA LYS A 229 6.15 -29.80 4.17
C LYS A 229 5.73 -28.40 4.65
N PRO A 230 4.47 -28.02 4.47
CA PRO A 230 4.06 -26.63 4.75
C PRO A 230 4.39 -26.18 6.16
N ARG A 231 5.07 -25.04 6.27
CA ARG A 231 5.43 -24.42 7.54
C ARG A 231 4.65 -23.13 7.73
N TRP A 232 4.29 -22.84 8.98
CA TRP A 232 3.67 -21.58 9.34
C TRP A 232 4.75 -20.60 9.77
N VAL A 233 4.66 -19.36 9.30
CA VAL A 233 5.52 -18.26 9.73
C VAL A 233 4.63 -17.17 10.34
N LYS A 234 5.07 -16.54 11.42
CA LYS A 234 4.32 -15.46 12.05
C LYS A 234 5.11 -14.16 12.03
N ILE A 235 4.51 -13.12 11.48
CA ILE A 235 5.08 -11.78 11.46
C ILE A 235 4.34 -10.93 12.49
N PHE A 236 5.05 -10.48 13.51
CA PHE A 236 4.43 -9.78 14.64
C PHE A 236 4.18 -8.31 14.31
N THR A 237 3.45 -8.09 13.23
CA THR A 237 3.18 -6.71 12.85
C THR A 237 1.93 -6.18 13.55
N PRO A 238 1.94 -4.92 13.97
CA PRO A 238 0.69 -4.33 14.47
C PRO A 238 -0.35 -4.19 13.37
N TYR A 239 0.09 -4.11 12.11
CA TYR A 239 -0.80 -3.88 10.97
C TYR A 239 -1.24 -5.20 10.33
N PHE A 240 -1.64 -6.17 11.17
CA PHE A 240 -1.83 -7.53 10.67
C PHE A 240 -3.10 -7.67 9.84
N ASN A 241 -4.14 -6.87 10.13
CA ASN A 241 -5.34 -6.89 9.29
C ASN A 241 -5.08 -6.22 7.94
N TYR A 242 -4.29 -5.15 7.92
CA TYR A 242 -3.85 -4.59 6.66
C TYR A 242 -3.08 -5.62 5.84
N MET A 243 -2.17 -6.35 6.50
CA MET A 243 -1.41 -7.36 5.78
C MET A 243 -2.31 -8.45 5.20
N HIS A 244 -3.31 -8.87 5.97
CA HIS A 244 -4.24 -9.89 5.49
C HIS A 244 -5.04 -9.39 4.28
N GLU A 245 -5.45 -8.12 4.32
CA GLU A 245 -6.15 -7.51 3.19
C GLU A 245 -5.28 -7.48 1.94
N CYS A 246 -3.95 -7.30 2.09
CA CYS A 246 -3.07 -7.35 0.94
C CYS A 246 -3.07 -8.74 0.31
N PHE A 247 -3.03 -9.77 1.14
CA PHE A 247 -3.07 -11.13 0.59
C PHE A 247 -4.35 -11.38 -0.21
N GLU A 248 -5.50 -11.12 0.40
CA GLU A 248 -6.77 -11.28 -0.30
C GLU A 248 -6.76 -10.49 -1.59
N ARG A 249 -6.30 -9.23 -1.53
CA ARG A 249 -6.31 -8.38 -2.70
C ARG A 249 -5.34 -8.87 -3.79
N VAL A 250 -4.15 -9.37 -3.42
CA VAL A 250 -3.23 -9.87 -4.45
C VAL A 250 -3.83 -11.05 -5.20
N PHE A 251 -4.41 -12.00 -4.45
CA PHE A 251 -4.98 -13.19 -5.09
C PHE A 251 -6.16 -12.83 -5.97
N GLU A 253 -6.54 -9.91 -7.65
CA GLU A 253 -5.98 -9.33 -8.86
C GLU A 253 -5.32 -10.38 -9.73
N LEU A 254 -4.77 -11.43 -9.11
CA LEU A 254 -4.15 -12.49 -9.89
C LEU A 254 -5.22 -13.30 -10.63
N LYS A 255 -6.34 -13.55 -9.96
CA LYS A 255 -7.44 -14.33 -10.53
C LYS A 255 -8.06 -13.62 -11.74
N TRP A 256 -8.23 -12.30 -11.67
CA TRP A 256 -8.87 -11.50 -12.71
C TRP A 256 -7.87 -10.82 -13.62
N ARG A 257 -6.60 -11.21 -13.57
CA ARG A 257 -5.60 -10.68 -14.49
C ARG A 257 -6.00 -10.97 -15.93
N LYS A 258 -5.92 -9.94 -16.77
CA LYS A 258 -6.29 -10.09 -18.17
C LYS A 258 -5.10 -10.27 -19.11
N GLU A 259 -3.87 -10.04 -18.67
CA GLU A 259 -2.72 -10.10 -19.56
C GLU A 259 -1.69 -11.13 -19.11
N GLU A 260 -0.95 -11.66 -20.08
CA GLU A 260 0.21 -12.50 -19.82
C GLU A 260 1.42 -11.68 -19.42
N TYR A 261 1.20 -10.42 -19.06
CA TYR A 261 2.30 -9.50 -18.76
C TYR A 261 1.97 -8.66 -17.54
N GLY B 10 13.34 -23.97 10.05
CA GLY B 10 14.28 -23.33 10.96
C GLY B 10 14.32 -21.84 10.77
N ASP B 11 15.52 -21.26 10.79
CA ASP B 11 15.68 -19.87 10.41
C ASP B 11 15.55 -19.73 8.90
N ILE B 12 14.71 -18.79 8.46
CA ILE B 12 14.51 -18.58 7.04
C ILE B 12 15.79 -18.04 6.38
N PHE B 13 16.41 -17.03 6.99
CA PHE B 13 17.65 -16.44 6.50
C PHE B 13 18.91 -17.24 6.87
N SER B 14 18.88 -18.58 6.72
CA SER B 14 20.03 -19.39 7.10
C SER B 14 20.25 -20.51 6.08
N THR B 15 19.54 -21.62 6.26
CA THR B 15 19.62 -22.77 5.38
C THR B 15 18.56 -22.62 4.27
#